data_1UQS
#
_entry.id   1UQS
#
_cell.length_a   96.974
_cell.length_b   96.974
_cell.length_c   114.834
_cell.angle_alpha   90.00
_cell.angle_beta   90.00
_cell.angle_gamma   120.00
#
_symmetry.space_group_name_H-M   'P 31 2 1'
#
loop_
_entity.id
_entity.type
_entity.pdbx_description
1 polymer 'T-CELL SURFACE GLYCOPROTEIN CD1B'
2 polymer BETA-2-MICROGLOBULIN
3 non-polymer 'GLUCOSE MONOMYCOLATE'
4 water water
#
loop_
_entity_poly.entity_id
_entity_poly.type
_entity_poly.pdbx_seq_one_letter_code
_entity_poly.pdbx_strand_id
1 'polypeptide(L)'
;MGSEHAFQGPTSFHVIQTSSFTNSTWAQTQGSGWLDDLQIHGWDSDSGTAIFLKPWSKGNFSDKEVAELEEIFRVYIFGF
AREVQDFAGDFQMKYPFEIQGIAGCELHSGGAIVSFLRGALGGLDFLSVKNASCVPSPEGGSRAQKFCALIIQYQGIMET
VRILLYETCPRYLLGVLNAGKADLQRQVKPEAWLSSGPSPGPGRLQLVCHVSGFYPKPVWVMWMRGEQEQQGTQLGDILP
NANWTWYLRATLDVADGEAAGLSCRVKHSSLEGQDIILYWGPGSGGGLNDIFEAQKIEWH
;
A
2 'polypeptide(L)'
;MIQRTPKIQVYSRHPAENGKSNFLNCYVSGFHPSDIEVDLLKNGERIEKVEHSDLSFSKDWSFYLLYYTEFTPTEKDEYA
CRVNHVTLSQPKIVKWDRDM
;
B
#
# COMPACT_ATOMS: atom_id res chain seq x y z
N ALA A 6 3.69 19.10 -4.73
CA ALA A 6 3.98 20.27 -5.61
C ALA A 6 5.24 20.03 -6.42
N PHE A 7 6.39 19.99 -5.74
CA PHE A 7 7.67 19.77 -6.42
C PHE A 7 7.83 18.34 -6.93
N GLN A 8 6.77 17.55 -6.84
CA GLN A 8 6.74 16.16 -7.32
C GLN A 8 7.45 15.08 -6.53
N GLY A 9 6.67 14.41 -5.69
CA GLY A 9 7.18 13.34 -4.85
C GLY A 9 6.46 13.34 -3.52
N PRO A 10 7.05 12.68 -2.51
CA PRO A 10 6.51 12.59 -1.16
C PRO A 10 6.25 13.97 -0.55
N THR A 11 5.58 13.99 0.60
CA THR A 11 5.23 15.22 1.27
C THR A 11 5.18 14.90 2.76
N SER A 12 5.42 13.64 3.06
CA SER A 12 5.38 13.21 4.43
C SER A 12 6.10 11.89 4.61
N PHE A 13 6.54 11.69 5.84
CA PHE A 13 7.22 10.48 6.24
C PHE A 13 6.53 10.07 7.53
N HIS A 14 6.37 8.77 7.71
CA HIS A 14 5.72 8.31 8.91
C HIS A 14 6.04 6.87 9.13
N VAL A 15 5.87 6.43 10.36
CA VAL A 15 6.12 5.05 10.65
C VAL A 15 4.81 4.34 10.82
N ILE A 16 4.89 3.03 10.86
CA ILE A 16 3.70 2.26 10.95
C ILE A 16 3.96 1.08 11.85
N GLN A 17 2.94 0.68 12.60
CA GLN A 17 3.09 -0.43 13.53
C GLN A 17 1.87 -1.34 13.61
N THR A 18 2.07 -2.63 13.33
CA THR A 18 0.97 -3.57 13.47
C THR A 18 1.42 -4.56 14.51
N SER A 19 0.91 -4.39 15.73
CA SER A 19 1.26 -5.30 16.80
C SER A 19 0.05 -6.19 17.00
N SER A 20 0.21 -7.48 16.74
CA SER A 20 -0.89 -8.43 16.86
C SER A 20 -0.73 -9.26 18.10
N PHE A 21 -1.81 -9.37 18.88
CA PHE A 21 -1.76 -10.12 20.12
C PHE A 21 -2.54 -11.42 20.13
N THR A 22 -1.81 -12.52 19.98
CA THR A 22 -2.43 -13.83 19.98
C THR A 22 -2.83 -14.26 21.39
N ASN A 23 -2.09 -13.80 22.40
CA ASN A 23 -2.42 -14.14 23.78
C ASN A 23 -1.41 -13.54 24.75
N SER A 24 -1.77 -13.53 26.03
CA SER A 24 -0.96 -13.01 27.12
C SER A 24 0.58 -13.02 26.98
N THR A 25 1.16 -14.04 26.35
CA THR A 25 2.61 -14.04 26.20
C THR A 25 3.04 -14.16 24.76
N TRP A 26 2.09 -14.05 23.86
CA TRP A 26 2.39 -14.15 22.44
C TRP A 26 1.95 -12.92 21.65
N ALA A 27 2.92 -12.05 21.37
CA ALA A 27 2.67 -10.83 20.61
C ALA A 27 3.72 -10.73 19.51
N GLN A 28 3.26 -10.28 18.35
CA GLN A 28 4.11 -10.13 17.18
C GLN A 28 3.87 -8.72 16.64
N THR A 29 4.92 -7.93 16.53
CA THR A 29 4.76 -6.57 16.03
C THR A 29 5.55 -6.35 14.73
N GLN A 30 4.91 -5.70 13.76
CA GLN A 30 5.49 -5.43 12.44
C GLN A 30 5.58 -3.93 12.12
N GLY A 31 6.80 -3.38 12.04
CA GLY A 31 6.94 -1.96 11.76
C GLY A 31 7.66 -1.58 10.47
N SER A 32 7.37 -0.39 9.95
CA SER A 32 8.00 0.09 8.71
C SER A 32 7.93 1.63 8.51
N GLY A 33 8.83 2.18 7.69
CA GLY A 33 8.87 3.62 7.45
C GLY A 33 8.57 4.08 6.03
N TRP A 34 7.71 5.09 5.91
CA TRP A 34 7.28 5.54 4.60
C TRP A 34 7.41 7.02 4.18
N LEU A 35 7.08 7.23 2.92
CA LEU A 35 7.04 8.50 2.20
C LEU A 35 5.86 8.19 1.28
N ASP A 36 4.66 8.58 1.68
CA ASP A 36 3.47 8.26 0.91
C ASP A 36 3.39 6.74 0.73
N ASP A 37 3.49 6.24 -0.50
CA ASP A 37 3.42 4.79 -0.68
C ASP A 37 4.79 4.16 -0.65
N LEU A 38 5.78 4.94 -1.03
CA LEU A 38 7.14 4.46 -1.09
C LEU A 38 7.74 4.11 0.28
N GLN A 39 7.83 2.83 0.59
CA GLN A 39 8.40 2.44 1.87
C GLN A 39 9.91 2.60 1.78
N ILE A 40 10.51 3.34 2.71
CA ILE A 40 11.96 3.52 2.69
C ILE A 40 12.61 2.87 3.90
N HIS A 41 11.81 2.53 4.90
CA HIS A 41 12.33 1.91 6.10
C HIS A 41 11.66 0.61 6.42
N GLY A 42 12.48 -0.39 6.70
CA GLY A 42 11.95 -1.67 7.08
C GLY A 42 12.45 -1.86 8.50
N TRP A 43 11.71 -2.63 9.28
CA TRP A 43 12.12 -2.90 10.64
C TRP A 43 12.24 -4.39 10.72
N ASP A 44 13.47 -4.90 10.85
CA ASP A 44 13.63 -6.33 10.98
C ASP A 44 13.25 -6.59 12.42
N SER A 45 12.18 -7.35 12.63
CA SER A 45 11.65 -7.59 13.97
C SER A 45 12.43 -8.34 15.06
N ASP A 46 12.42 -9.67 15.02
CA ASP A 46 13.08 -10.44 16.08
C ASP A 46 14.44 -9.94 16.55
N SER A 47 15.11 -9.13 15.73
CA SER A 47 16.40 -8.56 16.11
C SER A 47 16.25 -7.29 16.95
N GLY A 48 15.75 -6.24 16.29
CA GLY A 48 15.54 -4.96 16.95
C GLY A 48 16.18 -3.83 16.15
N THR A 49 16.79 -4.19 15.04
CA THR A 49 17.47 -3.22 14.18
C THR A 49 16.55 -2.49 13.24
N ALA A 50 17.01 -2.34 12.02
CA ALA A 50 16.28 -1.65 10.97
C ALA A 50 16.74 -2.20 9.62
N ILE A 51 16.15 -1.66 8.56
CA ILE A 51 16.47 -2.08 7.20
C ILE A 51 16.33 -0.83 6.36
N PHE A 52 17.43 -0.23 5.93
CA PHE A 52 17.36 0.95 5.08
C PHE A 52 17.25 0.43 3.66
N LEU A 53 16.19 0.80 2.96
CA LEU A 53 15.99 0.31 1.60
C LEU A 53 16.47 1.25 0.49
N LYS A 54 17.22 2.28 0.87
CA LYS A 54 17.73 3.24 -0.10
C LYS A 54 18.97 3.89 0.48
N PRO A 55 19.93 4.27 -0.37
CA PRO A 55 21.09 4.91 0.24
C PRO A 55 20.52 6.05 1.06
N TRP A 56 19.71 6.90 0.43
CA TRP A 56 19.09 8.02 1.12
C TRP A 56 17.99 7.65 2.12
N SER A 57 18.01 6.42 2.66
CA SER A 57 16.99 6.04 3.64
C SER A 57 17.17 6.91 4.88
N LYS A 58 18.37 6.91 5.43
CA LYS A 58 18.69 7.77 6.56
C LYS A 58 18.48 9.10 5.83
N GLY A 59 18.37 10.21 6.53
CA GLY A 59 18.13 11.44 5.81
C GLY A 59 18.88 12.64 6.35
N ASN A 60 20.06 12.90 5.80
CA ASN A 60 20.89 14.02 6.25
C ASN A 60 21.03 13.89 7.77
N PHE A 61 20.69 12.70 8.27
CA PHE A 61 20.79 12.38 9.69
C PHE A 61 22.09 11.57 9.80
N SER A 62 22.67 11.54 10.99
CA SER A 62 23.95 10.85 11.21
C SER A 62 23.88 9.42 11.77
N ASP A 63 24.85 8.61 11.36
CA ASP A 63 24.95 7.24 11.83
C ASP A 63 24.88 7.28 13.35
N LYS A 64 25.00 8.49 13.89
CA LYS A 64 24.94 8.70 15.34
C LYS A 64 23.53 8.95 15.82
N GLU A 65 22.76 9.76 15.08
CA GLU A 65 21.38 10.05 15.46
C GLU A 65 20.48 8.89 15.01
N VAL A 66 20.74 8.39 13.81
CA VAL A 66 19.97 7.26 13.28
C VAL A 66 19.97 6.17 14.35
N ALA A 67 21.14 5.55 14.52
CA ALA A 67 21.31 4.50 15.49
C ALA A 67 20.69 4.92 16.83
N GLU A 68 20.47 6.22 16.97
CA GLU A 68 19.88 6.75 18.19
C GLU A 68 18.38 6.52 18.18
N LEU A 69 17.72 6.87 17.08
CA LEU A 69 16.28 6.64 17.02
C LEU A 69 16.05 5.17 17.32
N GLU A 70 16.77 4.31 16.61
CA GLU A 70 16.66 2.87 16.78
C GLU A 70 16.29 2.37 18.15
N GLU A 71 17.12 2.64 19.15
CA GLU A 71 16.81 2.17 20.49
C GLU A 71 15.46 2.70 20.96
N ILE A 72 15.13 3.92 20.59
CA ILE A 72 13.84 4.47 20.99
C ILE A 72 12.85 3.42 20.47
N PHE A 73 12.72 3.36 19.16
CA PHE A 73 11.81 2.42 18.53
C PHE A 73 11.96 1.02 19.08
N ARG A 74 13.16 0.45 18.98
CA ARG A 74 13.40 -0.88 19.47
C ARG A 74 12.80 -1.05 20.86
N VAL A 75 13.22 -0.23 21.82
CA VAL A 75 12.68 -0.37 23.17
C VAL A 75 11.18 -0.11 23.23
N TYR A 76 10.70 0.92 22.54
CA TYR A 76 9.26 1.23 22.54
C TYR A 76 8.51 -0.08 22.26
N ILE A 77 8.83 -0.68 21.11
CA ILE A 77 8.20 -1.93 20.72
C ILE A 77 8.24 -2.93 21.88
N PHE A 78 9.45 -3.28 22.33
CA PHE A 78 9.54 -4.23 23.43
C PHE A 78 8.65 -3.83 24.59
N GLY A 79 8.68 -2.54 24.89
CA GLY A 79 7.88 -2.02 25.99
C GLY A 79 6.41 -2.05 25.69
N PHE A 80 6.03 -1.45 24.58
CA PHE A 80 4.63 -1.42 24.18
C PHE A 80 3.91 -2.75 24.41
N ALA A 81 4.56 -3.84 24.01
CA ALA A 81 4.00 -5.19 24.16
C ALA A 81 4.03 -5.62 25.61
N ARG A 82 5.23 -5.58 26.20
CA ARG A 82 5.41 -5.95 27.59
C ARG A 82 4.26 -5.40 28.42
N GLU A 83 3.91 -4.14 28.13
CA GLU A 83 2.84 -3.45 28.84
C GLU A 83 1.46 -3.98 28.50
N VAL A 84 1.03 -3.83 27.26
CA VAL A 84 -0.29 -4.31 26.86
C VAL A 84 -0.63 -5.64 27.53
N GLN A 85 0.32 -6.55 27.61
CA GLN A 85 0.04 -7.84 28.22
C GLN A 85 -0.27 -7.74 29.73
N ASP A 86 0.27 -6.70 30.37
CA ASP A 86 0.03 -6.49 31.80
C ASP A 86 -1.41 -6.01 31.99
N PHE A 87 -1.70 -4.83 31.47
CA PHE A 87 -3.02 -4.23 31.57
C PHE A 87 -4.06 -4.99 30.72
N ALA A 88 -3.65 -6.10 30.11
CA ALA A 88 -4.56 -6.88 29.28
C ALA A 88 -5.85 -7.24 30.01
N GLY A 89 -5.72 -7.72 31.25
CA GLY A 89 -6.90 -8.09 32.02
C GLY A 89 -7.58 -6.84 32.52
N ASP A 90 -6.77 -5.92 33.02
CA ASP A 90 -7.22 -4.64 33.54
C ASP A 90 -8.23 -3.99 32.59
N PHE A 91 -7.77 -3.65 31.39
CA PHE A 91 -8.64 -3.02 30.39
C PHE A 91 -9.60 -4.06 29.76
N GLN A 92 -9.67 -5.24 30.37
CA GLN A 92 -10.55 -6.34 29.93
C GLN A 92 -10.52 -6.63 28.44
N MET A 93 -9.31 -6.91 27.93
CA MET A 93 -9.09 -7.23 26.53
C MET A 93 -9.35 -8.68 26.32
N LYS A 94 -9.92 -9.01 25.16
CA LYS A 94 -10.21 -10.38 24.81
C LYS A 94 -9.19 -10.71 23.74
N TYR A 95 -8.44 -11.80 23.92
CA TYR A 95 -7.46 -12.19 22.93
C TYR A 95 -8.23 -13.00 21.91
N PRO A 96 -7.86 -12.91 20.63
CA PRO A 96 -6.78 -12.12 20.05
C PRO A 96 -7.25 -10.76 19.52
N PHE A 97 -6.43 -9.74 19.73
CA PHE A 97 -6.75 -8.42 19.22
C PHE A 97 -5.54 -7.91 18.46
N GLU A 98 -5.72 -6.81 17.74
CA GLU A 98 -4.65 -6.24 16.93
C GLU A 98 -4.66 -4.73 17.04
N ILE A 99 -3.53 -4.12 17.34
CA ILE A 99 -3.51 -2.69 17.42
C ILE A 99 -2.56 -2.07 16.39
N GLN A 100 -3.05 -1.08 15.67
CA GLN A 100 -2.25 -0.43 14.65
C GLN A 100 -1.86 0.97 15.11
N GLY A 101 -0.87 1.54 14.43
CA GLY A 101 -0.39 2.87 14.75
C GLY A 101 0.34 3.47 13.57
N ILE A 102 0.04 4.74 13.30
CA ILE A 102 0.64 5.50 12.21
C ILE A 102 0.96 6.84 12.82
N ALA A 103 2.18 7.31 12.59
CA ALA A 103 2.61 8.61 13.10
C ALA A 103 3.75 9.18 12.28
N GLY A 104 3.65 10.48 12.03
CA GLY A 104 4.65 11.17 11.25
C GLY A 104 4.19 12.59 11.02
N CYS A 105 4.96 13.34 10.24
CA CYS A 105 4.62 14.72 9.94
C CYS A 105 4.48 14.88 8.43
N GLU A 106 4.01 16.05 8.00
CA GLU A 106 3.83 16.33 6.58
C GLU A 106 3.90 17.83 6.25
N LEU A 107 4.36 18.15 5.05
CA LEU A 107 4.50 19.52 4.56
C LEU A 107 3.15 20.03 4.04
N HIS A 108 2.98 21.35 3.92
CA HIS A 108 1.70 21.85 3.47
C HIS A 108 1.55 23.25 2.83
N SER A 109 1.38 23.24 1.52
CA SER A 109 1.16 24.45 0.72
C SER A 109 2.00 25.71 0.93
N GLY A 110 3.22 25.58 1.44
CA GLY A 110 4.02 26.78 1.62
C GLY A 110 5.10 26.73 2.68
N GLY A 111 4.75 26.26 3.88
CA GLY A 111 5.76 26.19 4.92
C GLY A 111 5.25 26.04 6.34
N ALA A 112 4.27 25.17 6.53
CA ALA A 112 3.75 24.90 7.87
C ALA A 112 3.78 23.39 7.99
N ILE A 113 4.51 22.87 8.97
CA ILE A 113 4.61 21.43 9.12
C ILE A 113 3.82 20.81 10.25
N VAL A 114 2.74 20.14 9.84
CA VAL A 114 1.82 19.45 10.73
C VAL A 114 2.15 17.98 10.85
N SER A 115 2.21 17.52 12.09
CA SER A 115 2.51 16.13 12.39
C SER A 115 1.25 15.43 12.89
N PHE A 116 1.36 14.12 13.15
CA PHE A 116 0.22 13.32 13.60
C PHE A 116 0.65 11.96 14.13
N LEU A 117 -0.17 11.40 15.00
CA LEU A 117 0.05 10.10 15.57
C LEU A 117 -1.37 9.67 15.88
N ARG A 118 -1.77 8.59 15.23
CA ARG A 118 -3.13 8.07 15.33
C ARG A 118 -3.14 6.56 15.51
N GLY A 119 -3.66 6.10 16.64
CA GLY A 119 -3.70 4.67 16.90
C GLY A 119 -5.08 4.04 16.72
N ALA A 120 -5.08 2.71 16.57
CA ALA A 120 -6.32 1.97 16.39
C ALA A 120 -6.27 0.66 17.15
N LEU A 121 -7.45 0.06 17.31
CA LEU A 121 -7.59 -1.21 18.00
C LEU A 121 -8.84 -1.86 17.42
N GLY A 122 -8.79 -3.16 17.19
CA GLY A 122 -9.94 -3.84 16.62
C GLY A 122 -10.22 -3.33 15.22
N GLY A 123 -9.19 -2.89 14.50
CA GLY A 123 -9.43 -2.38 13.17
C GLY A 123 -10.25 -1.12 13.28
N LEU A 124 -10.33 -0.57 14.47
CA LEU A 124 -11.09 0.65 14.64
C LEU A 124 -10.31 1.77 15.29
N ASP A 125 -10.76 2.99 15.04
CA ASP A 125 -10.13 4.18 15.59
C ASP A 125 -10.07 3.98 17.09
N PHE A 126 -9.05 4.52 17.74
CA PHE A 126 -8.97 4.36 19.18
C PHE A 126 -8.41 5.58 19.90
N LEU A 127 -7.47 6.28 19.26
CA LEU A 127 -6.91 7.48 19.85
C LEU A 127 -6.16 8.31 18.82
N SER A 128 -6.17 9.62 19.04
CA SER A 128 -5.51 10.55 18.13
C SER A 128 -4.81 11.58 18.97
N VAL A 129 -3.62 11.97 18.56
CA VAL A 129 -2.90 12.98 19.29
C VAL A 129 -3.16 14.28 18.57
N LYS A 130 -3.57 15.29 19.32
CA LYS A 130 -3.84 16.62 18.77
C LYS A 130 -3.25 17.67 19.72
N ASN A 131 -2.53 18.63 19.13
CA ASN A 131 -1.88 19.69 19.90
C ASN A 131 -1.24 19.06 21.13
N ALA A 132 -0.50 17.98 20.90
CA ALA A 132 0.18 17.25 21.95
C ALA A 132 -0.73 16.92 23.13
N SER A 133 -1.50 15.85 23.00
CA SER A 133 -2.42 15.39 24.03
C SER A 133 -3.23 14.22 23.52
N CYS A 134 -3.29 13.17 24.32
CA CYS A 134 -4.01 11.95 23.97
C CYS A 134 -5.53 12.22 23.85
N VAL A 135 -6.07 12.04 22.64
CA VAL A 135 -7.50 12.26 22.37
C VAL A 135 -8.29 11.00 22.02
N PRO A 136 -9.09 10.49 22.97
CA PRO A 136 -9.91 9.29 22.80
C PRO A 136 -10.96 9.32 21.69
N SER A 137 -10.66 8.65 20.58
CA SER A 137 -11.62 8.60 19.50
C SER A 137 -12.84 7.97 20.16
N PRO A 138 -14.03 8.53 19.89
CA PRO A 138 -15.29 8.03 20.47
C PRO A 138 -15.45 6.56 20.10
N GLU A 139 -14.83 6.23 18.97
CA GLU A 139 -14.83 4.89 18.41
C GLU A 139 -14.36 3.86 19.44
N GLY A 140 -13.61 4.33 20.42
CA GLY A 140 -13.09 3.43 21.45
C GLY A 140 -14.07 3.21 22.58
N GLY A 141 -14.19 4.20 23.45
CA GLY A 141 -15.11 4.10 24.57
C GLY A 141 -14.39 4.01 25.89
N SER A 142 -15.07 3.41 26.87
CA SER A 142 -14.54 3.21 28.21
C SER A 142 -13.02 3.09 28.19
N ARG A 143 -12.55 2.10 27.42
CA ARG A 143 -11.13 1.80 27.28
C ARG A 143 -10.23 2.93 26.74
N ALA A 144 -10.72 3.66 25.74
CA ALA A 144 -9.94 4.74 25.16
C ALA A 144 -9.64 5.83 26.19
N GLN A 145 -10.64 6.21 26.96
CA GLN A 145 -10.44 7.21 27.99
C GLN A 145 -9.50 6.56 28.98
N LYS A 146 -9.92 5.40 29.49
CA LYS A 146 -9.14 4.62 30.45
C LYS A 146 -7.65 4.66 30.11
N PHE A 147 -7.30 4.47 28.83
CA PHE A 147 -5.90 4.48 28.44
C PHE A 147 -5.37 5.90 28.24
N CYS A 148 -6.03 6.67 27.38
CA CYS A 148 -5.59 8.04 27.11
C CYS A 148 -5.19 8.78 28.38
N ALA A 149 -5.96 8.59 29.44
CA ALA A 149 -5.67 9.24 30.70
C ALA A 149 -4.55 8.52 31.45
N LEU A 150 -4.78 7.25 31.76
CA LEU A 150 -3.80 6.41 32.47
C LEU A 150 -2.43 6.42 31.79
N ILE A 151 -2.29 7.21 30.75
CA ILE A 151 -1.03 7.26 30.04
C ILE A 151 -0.42 8.66 30.01
N ILE A 152 -1.27 9.67 30.21
CA ILE A 152 -0.78 11.05 30.23
C ILE A 152 0.16 11.22 31.41
N GLN A 153 -0.10 10.42 32.45
CA GLN A 153 0.69 10.42 33.68
C GLN A 153 2.10 9.82 33.53
N TYR A 154 2.64 9.95 32.33
CA TYR A 154 3.99 9.47 32.03
C TYR A 154 4.63 10.56 31.15
N GLN A 155 5.05 11.64 31.79
CA GLN A 155 5.66 12.77 31.10
C GLN A 155 6.85 12.35 30.25
N GLY A 156 7.60 11.35 30.70
CA GLY A 156 8.74 10.88 29.94
C GLY A 156 8.31 10.33 28.59
N ILE A 157 7.31 9.46 28.63
CA ILE A 157 6.75 8.85 27.43
C ILE A 157 6.27 10.00 26.57
N MET A 158 5.42 10.82 27.16
CA MET A 158 4.86 12.01 26.51
C MET A 158 6.03 12.85 26.00
N GLU A 159 7.05 12.98 26.84
CA GLU A 159 8.23 13.75 26.50
C GLU A 159 8.77 13.24 25.17
N THR A 160 9.09 11.96 25.12
CA THR A 160 9.62 11.40 23.89
C THR A 160 8.64 11.59 22.74
N VAL A 161 7.37 11.24 22.96
CA VAL A 161 6.35 11.36 21.92
C VAL A 161 6.32 12.72 21.24
N ARG A 162 6.40 13.80 22.02
CA ARG A 162 6.37 15.15 21.45
C ARG A 162 7.58 15.40 20.57
N ILE A 163 8.76 15.32 21.16
CA ILE A 163 10.04 15.55 20.47
C ILE A 163 10.09 14.94 19.08
N LEU A 164 10.07 13.61 19.04
CA LEU A 164 10.11 12.91 17.79
C LEU A 164 9.03 13.44 16.87
N LEU A 165 7.81 13.42 17.40
CA LEU A 165 6.62 13.85 16.68
C LEU A 165 6.60 15.28 16.17
N TYR A 166 7.33 16.16 16.84
CA TYR A 166 7.35 17.56 16.43
C TYR A 166 8.76 18.00 16.11
N GLU A 167 9.64 17.94 17.10
CA GLU A 167 11.02 18.32 16.88
C GLU A 167 11.64 17.42 15.81
N THR A 168 11.95 16.18 16.21
CA THR A 168 12.59 15.20 15.35
C THR A 168 11.97 14.83 14.00
N CYS A 169 10.71 15.15 13.78
CA CYS A 169 10.12 14.75 12.52
C CYS A 169 10.43 15.56 11.25
N PRO A 170 10.05 16.86 11.20
CA PRO A 170 10.37 17.60 9.98
C PRO A 170 11.87 17.77 9.82
N ARG A 171 12.55 17.93 10.95
CA ARG A 171 14.00 18.07 10.88
C ARG A 171 14.47 16.94 9.98
N TYR A 172 13.80 15.79 10.12
CA TYR A 172 14.10 14.61 9.34
C TYR A 172 13.42 14.59 7.98
N LEU A 173 12.12 14.86 7.98
CA LEU A 173 11.31 14.85 6.76
C LEU A 173 12.00 15.60 5.63
N LEU A 174 12.06 16.93 5.76
CA LEU A 174 12.69 17.77 4.78
C LEU A 174 14.05 17.15 4.53
N GLY A 175 14.65 16.64 5.61
CA GLY A 175 15.95 16.02 5.52
C GLY A 175 16.10 14.92 4.47
N VAL A 176 15.22 13.93 4.50
CA VAL A 176 15.27 12.82 3.55
C VAL A 176 14.77 13.24 2.19
N LEU A 177 13.65 13.97 2.19
CA LEU A 177 13.08 14.45 0.96
C LEU A 177 14.20 15.01 0.12
N ASN A 178 15.05 15.81 0.74
CA ASN A 178 16.16 16.38 0.00
C ASN A 178 17.14 15.26 -0.23
N ALA A 179 17.69 14.72 0.86
CA ALA A 179 18.65 13.63 0.80
C ALA A 179 18.35 12.65 -0.33
N GLY A 180 17.09 12.58 -0.74
CA GLY A 180 16.71 11.67 -1.81
C GLY A 180 15.90 12.26 -2.96
N LYS A 181 15.87 13.59 -3.09
CA LYS A 181 15.13 14.23 -4.18
C LYS A 181 15.66 13.60 -5.48
N ALA A 182 16.80 12.91 -5.33
CA ALA A 182 17.49 12.23 -6.40
C ALA A 182 16.52 11.49 -7.31
N ASP A 183 16.08 10.33 -6.85
CA ASP A 183 15.15 9.51 -7.61
C ASP A 183 13.71 9.64 -7.13
N LEU A 184 13.47 10.51 -6.16
CA LEU A 184 12.11 10.71 -5.67
C LEU A 184 11.37 11.60 -6.66
N GLN A 185 12.12 12.38 -7.41
CA GLN A 185 11.51 13.27 -8.40
C GLN A 185 11.73 12.72 -9.80
N ARG A 186 12.45 11.60 -9.88
CA ARG A 186 12.74 10.98 -11.17
C ARG A 186 11.46 10.82 -11.98
N GLN A 187 11.59 10.32 -13.20
CA GLN A 187 10.41 10.17 -14.04
C GLN A 187 10.50 8.98 -14.96
N VAL A 188 9.58 8.06 -14.75
CA VAL A 188 9.54 6.89 -15.59
C VAL A 188 8.30 7.05 -16.44
N LYS A 189 8.51 6.93 -17.75
CA LYS A 189 7.39 6.99 -18.63
C LYS A 189 6.61 5.74 -18.46
N PRO A 190 5.49 5.70 -19.13
CA PRO A 190 4.55 4.51 -19.17
C PRO A 190 4.88 3.25 -19.98
N GLU A 191 3.74 2.67 -20.39
CA GLU A 191 3.53 1.48 -21.17
C GLU A 191 2.09 1.66 -21.63
N ALA A 192 1.53 0.60 -22.20
CA ALA A 192 0.14 0.60 -22.65
C ALA A 192 -0.13 -0.52 -23.63
N TRP A 193 -1.34 -1.06 -23.56
CA TRP A 193 -1.76 -2.10 -24.49
C TRP A 193 -3.22 -2.42 -24.29
N LEU A 194 -3.97 -2.19 -25.35
CA LEU A 194 -5.38 -2.47 -25.35
C LEU A 194 -5.53 -3.98 -25.36
N SER A 195 -6.75 -4.44 -25.11
CA SER A 195 -7.07 -5.85 -25.10
C SER A 195 -8.54 -5.92 -24.75
N SER A 196 -9.23 -6.93 -25.25
CA SER A 196 -10.65 -7.07 -24.95
C SER A 196 -10.92 -8.42 -24.30
N GLY A 197 -11.82 -8.42 -23.32
CA GLY A 197 -12.15 -9.64 -22.62
C GLY A 197 -13.60 -9.68 -22.16
N PRO A 198 -13.88 -10.31 -21.01
CA PRO A 198 -15.18 -10.49 -20.35
C PRO A 198 -16.35 -9.68 -20.92
N SER A 199 -17.06 -10.27 -21.87
CA SER A 199 -18.19 -9.62 -22.53
C SER A 199 -19.39 -9.33 -21.64
N PRO A 200 -19.85 -8.09 -21.62
CA PRO A 200 -21.01 -7.72 -20.80
C PRO A 200 -22.19 -8.52 -21.34
N GLY A 201 -23.07 -7.86 -22.08
CA GLY A 201 -24.21 -8.55 -22.65
C GLY A 201 -23.86 -9.06 -24.04
N PRO A 202 -23.48 -10.35 -24.17
CA PRO A 202 -23.12 -11.00 -25.44
C PRO A 202 -23.62 -10.30 -26.69
N GLY A 203 -22.74 -9.44 -27.22
CA GLY A 203 -23.06 -8.66 -28.40
C GLY A 203 -22.38 -7.32 -28.17
N ARG A 204 -21.93 -7.13 -26.94
CA ARG A 204 -21.24 -5.90 -26.57
C ARG A 204 -19.76 -6.24 -26.34
N LEU A 205 -18.96 -5.23 -26.02
CA LEU A 205 -17.54 -5.45 -25.80
C LEU A 205 -16.88 -4.77 -24.61
N GLN A 206 -15.88 -5.45 -24.07
CA GLN A 206 -15.10 -5.02 -22.92
C GLN A 206 -13.76 -4.43 -23.39
N LEU A 207 -13.77 -3.13 -23.67
CA LEU A 207 -12.56 -2.43 -24.11
C LEU A 207 -11.65 -2.27 -22.90
N VAL A 208 -10.50 -2.94 -22.92
CA VAL A 208 -9.58 -2.86 -21.79
C VAL A 208 -8.25 -2.22 -22.17
N CYS A 209 -7.98 -1.05 -21.60
CA CYS A 209 -6.76 -0.31 -21.86
C CYS A 209 -5.80 -0.21 -20.69
N HIS A 210 -4.78 -1.05 -20.71
CA HIS A 210 -3.79 -1.09 -19.66
C HIS A 210 -2.86 0.11 -19.70
N VAL A 211 -2.00 0.20 -18.70
CA VAL A 211 -1.02 1.26 -18.55
C VAL A 211 -0.16 0.85 -17.37
N SER A 212 1.10 0.48 -17.62
CA SER A 212 1.97 0.06 -16.53
C SER A 212 3.23 0.91 -16.41
N GLY A 213 4.14 0.49 -15.54
CA GLY A 213 5.40 1.18 -15.34
C GLY A 213 5.49 2.69 -15.11
N PHE A 214 4.40 3.44 -15.16
CA PHE A 214 4.49 4.89 -14.96
C PHE A 214 4.80 5.36 -13.55
N TYR A 215 5.58 6.43 -13.47
CA TYR A 215 5.99 7.06 -12.22
C TYR A 215 6.37 8.49 -12.58
N PRO A 216 5.91 9.49 -11.80
CA PRO A 216 5.08 9.40 -10.60
C PRO A 216 3.74 8.73 -10.78
N LYS A 217 3.03 8.65 -9.66
CA LYS A 217 1.72 8.04 -9.54
C LYS A 217 0.59 8.76 -10.27
N PRO A 218 0.52 10.09 -10.16
CA PRO A 218 -0.57 10.80 -10.85
C PRO A 218 -0.52 10.43 -12.32
N VAL A 219 -1.68 10.21 -12.94
CA VAL A 219 -1.71 9.84 -14.34
C VAL A 219 -3.09 10.02 -14.97
N TRP A 220 -3.13 10.13 -16.29
CA TRP A 220 -4.36 10.35 -17.05
C TRP A 220 -4.60 9.18 -18.00
N VAL A 221 -5.87 8.83 -18.25
CA VAL A 221 -6.20 7.74 -19.16
C VAL A 221 -7.66 7.71 -19.60
N MET A 222 -7.93 7.99 -20.88
CA MET A 222 -9.32 7.96 -21.32
C MET A 222 -9.58 7.28 -22.65
N TRP A 223 -10.69 6.56 -22.71
CA TRP A 223 -11.11 5.88 -23.93
C TRP A 223 -11.84 6.91 -24.78
N MET A 224 -11.09 7.69 -25.55
CA MET A 224 -11.73 8.72 -26.38
C MET A 224 -12.01 8.32 -27.81
N ARG A 225 -12.64 9.24 -28.53
CA ARG A 225 -12.97 9.10 -29.94
C ARG A 225 -12.74 10.47 -30.57
N GLY A 226 -11.54 10.68 -31.07
CA GLY A 226 -11.20 11.96 -31.65
C GLY A 226 -11.02 12.99 -30.55
N GLU A 227 -11.43 14.22 -30.81
CA GLU A 227 -11.31 15.29 -29.82
C GLU A 227 -11.94 14.92 -28.48
N GLN A 228 -13.12 14.30 -28.51
CA GLN A 228 -13.84 13.95 -27.28
C GLN A 228 -13.62 12.57 -26.66
N GLU A 229 -14.16 12.42 -25.44
CA GLU A 229 -14.06 11.21 -24.61
C GLU A 229 -15.45 10.56 -24.41
N GLN A 230 -15.46 9.34 -23.88
CA GLN A 230 -16.72 8.63 -23.63
C GLN A 230 -17.13 8.78 -22.16
N GLN A 231 -16.14 8.82 -21.27
CA GLN A 231 -16.40 8.97 -19.85
C GLN A 231 -17.25 7.84 -19.26
N GLY A 232 -17.67 6.91 -20.12
CA GLY A 232 -18.41 5.75 -19.63
C GLY A 232 -17.27 4.82 -19.25
N THR A 233 -16.08 5.37 -19.44
CA THR A 233 -14.80 4.75 -19.17
C THR A 233 -14.67 4.47 -17.69
N GLN A 234 -14.52 3.20 -17.32
CA GLN A 234 -14.40 2.86 -15.92
C GLN A 234 -12.96 2.83 -15.44
N LEU A 235 -12.52 3.97 -14.93
CA LEU A 235 -11.16 4.11 -14.43
C LEU A 235 -10.90 3.14 -13.26
N GLY A 236 -9.94 2.24 -13.47
CA GLY A 236 -9.60 1.25 -12.46
C GLY A 236 -8.82 1.82 -11.30
N ASP A 237 -8.24 0.96 -10.48
CA ASP A 237 -7.47 1.40 -9.32
C ASP A 237 -5.99 1.42 -9.65
N ILE A 238 -5.24 2.37 -9.12
CA ILE A 238 -3.82 2.35 -9.40
C ILE A 238 -3.20 1.33 -8.44
N LEU A 239 -3.04 0.12 -8.94
CA LEU A 239 -2.44 -0.96 -8.16
C LEU A 239 -0.95 -0.65 -8.21
N PRO A 240 -0.12 -1.53 -7.64
CA PRO A 240 1.30 -1.19 -7.72
C PRO A 240 2.21 -2.33 -8.17
N ASN A 241 3.38 -1.95 -8.66
CA ASN A 241 4.42 -2.89 -9.09
C ASN A 241 5.51 -2.85 -8.03
N ALA A 242 6.07 -4.01 -7.74
CA ALA A 242 7.10 -4.11 -6.72
C ALA A 242 8.34 -3.24 -6.97
N ASN A 243 8.34 -2.48 -8.07
CA ASN A 243 9.48 -1.66 -8.47
C ASN A 243 9.35 -0.14 -8.29
N TRP A 244 8.26 0.32 -7.71
CA TRP A 244 8.02 1.75 -7.54
C TRP A 244 7.49 2.39 -8.80
N THR A 245 6.41 1.82 -9.30
CA THR A 245 5.69 2.26 -10.49
C THR A 245 4.32 1.62 -10.30
N TRP A 246 3.32 2.08 -11.04
CA TRP A 246 1.99 1.54 -10.86
C TRP A 246 1.32 1.03 -12.12
N TYR A 247 0.29 0.22 -11.93
CA TYR A 247 -0.47 -0.39 -13.01
C TYR A 247 -1.83 0.29 -13.04
N LEU A 248 -2.54 0.15 -14.16
CA LEU A 248 -3.84 0.78 -14.25
C LEU A 248 -4.67 0.36 -15.45
N ARG A 249 -5.75 -0.35 -15.14
CA ARG A 249 -6.74 -0.86 -16.08
C ARG A 249 -7.62 0.35 -16.38
N ALA A 250 -8.67 0.17 -17.16
CA ALA A 250 -9.57 1.27 -17.50
C ALA A 250 -10.48 0.69 -18.54
N THR A 251 -11.63 0.18 -18.15
CA THR A 251 -12.44 -0.41 -19.18
C THR A 251 -13.37 0.56 -19.85
N LEU A 252 -13.93 0.11 -20.97
CA LEU A 252 -14.87 0.86 -21.76
C LEU A 252 -15.95 -0.15 -22.16
N ASP A 253 -17.21 0.25 -22.08
CA ASP A 253 -18.33 -0.63 -22.44
C ASP A 253 -19.00 -0.18 -23.74
N VAL A 254 -18.93 -1.01 -24.78
CA VAL A 254 -19.54 -0.63 -26.06
C VAL A 254 -19.99 -1.79 -26.97
N ALA A 255 -20.75 -1.45 -28.01
CA ALA A 255 -21.28 -2.43 -28.97
C ALA A 255 -20.39 -2.76 -30.17
N ASP A 256 -20.49 -4.01 -30.63
CA ASP A 256 -19.72 -4.56 -31.76
C ASP A 256 -19.14 -3.55 -32.75
N GLY A 257 -20.01 -2.81 -33.44
CA GLY A 257 -19.53 -1.85 -34.42
C GLY A 257 -18.76 -0.69 -33.83
N GLU A 258 -19.46 0.12 -33.04
CA GLU A 258 -18.90 1.31 -32.40
C GLU A 258 -17.51 1.18 -31.78
N ALA A 259 -17.04 -0.05 -31.58
CA ALA A 259 -15.72 -0.25 -31.01
C ALA A 259 -14.73 0.50 -31.89
N ALA A 260 -14.49 -0.09 -33.05
CA ALA A 260 -13.58 0.42 -34.06
C ALA A 260 -13.64 1.93 -34.26
N GLY A 261 -12.50 2.58 -34.09
CA GLY A 261 -12.44 4.02 -34.26
C GLY A 261 -12.19 4.70 -32.92
N LEU A 262 -11.99 3.90 -31.89
CA LEU A 262 -11.75 4.43 -30.56
C LEU A 262 -10.29 4.24 -30.17
N SER A 263 -9.81 5.07 -29.26
CA SER A 263 -8.43 4.96 -28.83
C SER A 263 -8.29 5.24 -27.33
N CYS A 264 -7.10 4.97 -26.80
CA CYS A 264 -6.83 5.21 -25.40
C CYS A 264 -5.72 6.24 -25.27
N ARG A 265 -6.11 7.46 -24.92
CA ARG A 265 -5.18 8.57 -24.74
C ARG A 265 -4.53 8.37 -23.38
N VAL A 266 -3.28 8.83 -23.21
CA VAL A 266 -2.60 8.60 -21.93
C VAL A 266 -1.60 9.71 -21.55
N LYS A 267 -2.09 10.77 -20.91
CA LYS A 267 -1.22 11.88 -20.49
C LYS A 267 -0.31 11.41 -19.34
N HIS A 268 0.60 12.27 -18.91
CA HIS A 268 1.50 11.92 -17.81
C HIS A 268 2.58 12.97 -17.61
N SER A 269 2.94 13.22 -16.37
CA SER A 269 3.97 14.21 -16.08
C SER A 269 5.30 13.87 -16.76
N SER A 270 5.46 12.59 -17.12
CA SER A 270 6.69 12.10 -17.75
C SER A 270 6.66 11.99 -19.28
N LEU A 271 5.66 12.55 -19.94
CA LEU A 271 5.59 12.43 -21.38
C LEU A 271 5.70 13.75 -22.14
N GLU A 272 5.25 14.84 -21.51
CA GLU A 272 5.31 16.17 -22.10
C GLU A 272 4.47 16.34 -23.36
N GLY A 273 3.15 16.34 -23.19
CA GLY A 273 2.26 16.51 -24.33
C GLY A 273 2.34 15.38 -25.34
N GLN A 274 3.38 14.56 -25.25
CA GLN A 274 3.56 13.44 -26.17
C GLN A 274 2.83 12.21 -25.64
N ASP A 275 1.51 12.33 -25.54
CA ASP A 275 0.62 11.29 -25.03
C ASP A 275 0.75 9.93 -25.73
N ILE A 276 0.14 8.91 -25.14
CA ILE A 276 0.12 7.57 -25.72
C ILE A 276 -1.24 7.36 -26.32
N ILE A 277 -1.29 6.93 -27.57
CA ILE A 277 -2.57 6.66 -28.19
C ILE A 277 -2.54 5.27 -28.79
N LEU A 278 -3.57 4.49 -28.50
CA LEU A 278 -3.68 3.13 -29.01
C LEU A 278 -5.09 2.96 -29.57
N TYR A 279 -5.19 2.85 -30.89
CA TYR A 279 -6.51 2.71 -31.48
C TYR A 279 -7.00 1.29 -31.37
N TRP A 280 -8.31 1.16 -31.37
CA TRP A 280 -8.95 -0.14 -31.27
C TRP A 280 -8.95 -0.84 -32.63
N GLY A 281 -7.88 -1.58 -32.91
CA GLY A 281 -7.78 -2.28 -34.17
C GLY A 281 -8.81 -3.38 -34.36
N PRO A 282 -8.59 -4.29 -35.33
CA PRO A 282 -9.54 -5.38 -35.57
C PRO A 282 -8.98 -6.80 -35.35
N GLY A 283 -9.89 -7.77 -35.31
CA GLY A 283 -9.57 -9.18 -35.15
C GLY A 283 -8.47 -9.63 -34.19
N SER A 284 -7.23 -9.47 -34.62
CA SER A 284 -6.06 -9.85 -33.84
C SER A 284 -6.03 -9.17 -32.45
N GLY A 285 -7.03 -9.51 -31.63
CA GLY A 285 -7.18 -9.01 -30.27
C GLY A 285 -6.83 -7.58 -29.85
N GLY A 286 -7.32 -7.15 -28.79
N MET B 1 -15.37 -5.11 17.31
CA MET B 1 -14.33 -5.56 16.35
C MET B 1 -14.89 -5.61 14.94
N ILE B 2 -14.02 -5.47 13.96
CA ILE B 2 -14.41 -5.52 12.56
C ILE B 2 -13.64 -6.60 11.84
N GLN B 3 -14.19 -7.08 10.73
CA GLN B 3 -13.54 -8.10 9.93
C GLN B 3 -13.84 -7.68 8.51
N ARG B 4 -12.77 -7.43 7.75
CA ARG B 4 -12.88 -6.98 6.37
C ARG B 4 -12.35 -8.06 5.43
N THR B 5 -13.14 -8.40 4.43
CA THR B 5 -12.75 -9.42 3.46
C THR B 5 -11.57 -8.95 2.60
N PRO B 6 -10.66 -9.86 2.21
CA PRO B 6 -9.60 -9.28 1.40
C PRO B 6 -10.03 -9.22 -0.04
N LYS B 7 -9.55 -8.22 -0.77
CA LYS B 7 -9.87 -8.04 -2.18
C LYS B 7 -8.68 -8.53 -2.98
N ILE B 8 -8.93 -9.31 -4.02
CA ILE B 8 -7.83 -9.85 -4.81
C ILE B 8 -7.80 -9.44 -6.26
N GLN B 9 -6.64 -8.96 -6.70
CA GLN B 9 -6.46 -8.55 -8.07
C GLN B 9 -5.18 -9.20 -8.53
N VAL B 10 -5.18 -9.67 -9.77
CA VAL B 10 -3.98 -10.29 -10.29
C VAL B 10 -3.66 -9.66 -11.62
N TYR B 11 -2.37 -9.56 -11.91
CA TYR B 11 -1.96 -8.96 -13.17
C TYR B 11 -0.45 -9.11 -13.42
N SER B 12 -0.08 -8.97 -14.69
CA SER B 12 1.30 -9.07 -15.15
C SER B 12 1.88 -7.66 -15.22
N ARG B 13 3.17 -7.53 -14.89
CA ARG B 13 3.77 -6.20 -14.91
C ARG B 13 3.87 -5.56 -16.29
N HIS B 14 3.90 -6.40 -17.33
CA HIS B 14 3.99 -5.97 -18.73
C HIS B 14 3.06 -6.86 -19.58
N PRO B 15 2.44 -6.31 -20.64
CA PRO B 15 1.54 -7.11 -21.49
C PRO B 15 2.29 -8.35 -21.92
N ALA B 16 1.89 -9.50 -21.43
CA ALA B 16 2.58 -10.73 -21.76
C ALA B 16 2.60 -11.15 -23.22
N GLU B 17 3.78 -11.60 -23.64
CA GLU B 17 4.01 -12.12 -24.98
C GLU B 17 4.42 -13.54 -24.63
N ASN B 18 3.59 -14.51 -24.99
CA ASN B 18 3.90 -15.88 -24.68
C ASN B 18 5.36 -16.16 -24.98
N GLY B 19 6.06 -16.77 -24.03
CA GLY B 19 7.45 -17.07 -24.23
C GLY B 19 8.36 -15.97 -23.72
N LYS B 20 7.79 -14.81 -23.39
CA LYS B 20 8.61 -13.73 -22.88
C LYS B 20 8.36 -13.38 -21.41
N SER B 21 9.40 -13.55 -20.62
CA SER B 21 9.39 -13.31 -19.17
C SER B 21 8.70 -12.02 -18.74
N ASN B 22 7.70 -12.19 -17.86
CA ASN B 22 6.91 -11.09 -17.33
C ASN B 22 6.96 -11.13 -15.81
N PHE B 23 6.09 -10.35 -15.19
CA PHE B 23 6.01 -10.31 -13.75
C PHE B 23 4.55 -10.49 -13.34
N LEU B 24 4.25 -11.63 -12.71
CA LEU B 24 2.90 -11.89 -12.27
C LEU B 24 2.71 -11.23 -10.92
N ASN B 25 1.69 -10.40 -10.81
CA ASN B 25 1.41 -9.71 -9.56
C ASN B 25 0.08 -10.07 -8.92
N CYS B 26 0.11 -10.23 -7.62
CA CYS B 26 -1.13 -10.48 -6.90
C CYS B 26 -1.19 -9.53 -5.73
N TYR B 27 -2.17 -8.62 -5.82
CA TYR B 27 -2.40 -7.57 -4.84
C TYR B 27 -3.62 -7.78 -3.94
N VAL B 28 -3.40 -8.28 -2.73
CA VAL B 28 -4.51 -8.48 -1.81
C VAL B 28 -4.62 -7.21 -0.99
N SER B 29 -5.85 -6.72 -0.78
CA SER B 29 -6.04 -5.47 -0.06
C SER B 29 -7.40 -5.23 0.64
N GLY B 30 -7.40 -4.40 1.66
CA GLY B 30 -8.64 -4.10 2.33
C GLY B 30 -9.10 -5.15 3.30
N PHE B 31 -8.24 -6.02 3.77
CA PHE B 31 -8.73 -7.01 4.69
C PHE B 31 -8.38 -6.68 6.13
N HIS B 32 -8.96 -7.57 6.95
CA HIS B 32 -8.70 -7.32 8.32
C HIS B 32 -9.23 -8.09 9.49
N PRO B 33 -8.46 -9.11 10.05
CA PRO B 33 -7.12 -8.85 10.57
C PRO B 33 -6.09 -9.12 9.52
N SER B 34 -4.84 -8.81 9.86
CA SER B 34 -3.73 -8.95 8.93
C SER B 34 -3.21 -10.36 8.72
N ASP B 35 -3.67 -11.32 9.45
CA ASP B 35 -3.21 -12.67 9.23
C ASP B 35 -3.87 -13.19 7.96
N ILE B 36 -3.07 -13.44 6.94
CA ILE B 36 -3.60 -13.93 5.68
C ILE B 36 -2.64 -14.96 5.08
N GLU B 37 -3.13 -15.68 4.07
CA GLU B 37 -2.35 -16.71 3.39
C GLU B 37 -2.44 -16.43 1.88
N VAL B 38 -1.28 -16.26 1.23
CA VAL B 38 -1.30 -15.99 -0.21
C VAL B 38 -0.29 -16.87 -0.95
N ASP B 39 -0.63 -17.31 -2.17
CA ASP B 39 0.27 -18.21 -2.88
C ASP B 39 0.77 -18.14 -4.33
N LEU B 40 -0.06 -17.72 -5.30
CA LEU B 40 0.42 -17.68 -6.69
C LEU B 40 0.70 -19.08 -7.26
N LEU B 41 -0.25 -19.63 -8.02
CA LEU B 41 -0.07 -20.97 -8.55
C LEU B 41 0.23 -21.05 -10.04
N LYS B 42 0.78 -22.19 -10.46
CA LYS B 42 1.05 -22.46 -11.86
C LYS B 42 0.37 -23.78 -12.13
N ASN B 43 -0.70 -23.75 -12.92
CA ASN B 43 -1.45 -24.95 -13.24
C ASN B 43 -1.91 -25.61 -11.94
N GLY B 44 -2.13 -24.81 -10.91
CA GLY B 44 -2.60 -25.34 -9.65
C GLY B 44 -1.54 -25.73 -8.64
N GLU B 45 -0.27 -25.43 -8.92
CA GLU B 45 0.79 -25.78 -7.98
C GLU B 45 1.40 -24.50 -7.41
N ARG B 46 1.62 -24.46 -6.10
CA ARG B 46 2.18 -23.27 -5.49
C ARG B 46 3.60 -22.96 -5.97
N ILE B 47 3.72 -21.92 -6.80
CA ILE B 47 5.02 -21.49 -7.31
C ILE B 47 5.92 -21.27 -6.10
N GLU B 48 7.20 -21.58 -6.23
CA GLU B 48 8.10 -21.48 -5.09
C GLU B 48 8.55 -20.16 -4.48
N LYS B 49 9.75 -19.69 -4.82
CA LYS B 49 10.28 -18.46 -4.26
C LYS B 49 9.57 -17.21 -4.75
N VAL B 50 8.66 -16.71 -3.93
CA VAL B 50 7.89 -15.50 -4.26
C VAL B 50 8.13 -14.43 -3.23
N GLU B 51 8.27 -13.20 -3.70
CA GLU B 51 8.49 -12.09 -2.80
C GLU B 51 7.17 -11.35 -2.61
N HIS B 52 7.12 -10.54 -1.56
CA HIS B 52 5.90 -9.80 -1.26
C HIS B 52 6.18 -8.63 -0.34
N SER B 53 5.48 -7.54 -0.57
CA SER B 53 5.64 -6.34 0.23
C SER B 53 5.65 -6.62 1.72
N ASP B 54 5.87 -5.57 2.50
CA ASP B 54 5.88 -5.67 3.95
C ASP B 54 4.48 -5.23 4.38
N LEU B 55 3.97 -5.81 5.46
CA LEU B 55 2.63 -5.47 5.90
C LEU B 55 2.44 -3.95 5.90
N SER B 56 1.26 -3.49 5.50
CA SER B 56 0.97 -2.06 5.49
C SER B 56 -0.52 -1.81 5.33
N PHE B 57 -1.03 -0.74 5.93
CA PHE B 57 -2.45 -0.47 5.86
C PHE B 57 -2.84 0.87 5.27
N SER B 58 -4.13 1.19 5.34
CA SER B 58 -4.61 2.44 4.78
C SER B 58 -5.35 3.23 5.84
N LYS B 59 -5.86 4.37 5.42
CA LYS B 59 -6.59 5.24 6.31
C LYS B 59 -7.63 4.45 7.11
N ASP B 60 -8.53 3.74 6.45
CA ASP B 60 -9.53 3.00 7.18
C ASP B 60 -8.98 1.83 8.00
N TRP B 61 -7.65 1.68 8.01
CA TRP B 61 -6.98 0.63 8.78
C TRP B 61 -6.87 -0.78 8.17
N SER B 62 -7.36 -0.95 6.94
CA SER B 62 -7.28 -2.25 6.30
C SER B 62 -5.91 -2.46 5.69
N PHE B 63 -5.44 -3.69 5.76
CA PHE B 63 -4.13 -4.03 5.25
C PHE B 63 -4.21 -4.43 3.78
N TYR B 64 -3.03 -4.45 3.15
CA TYR B 64 -2.91 -4.86 1.77
C TYR B 64 -1.47 -5.35 1.58
N LEU B 65 -1.28 -6.25 0.63
CA LEU B 65 0.03 -6.79 0.34
C LEU B 65 0.14 -6.96 -1.14
N LEU B 66 1.39 -7.03 -1.59
CA LEU B 66 1.69 -7.23 -2.98
C LEU B 66 2.55 -8.46 -3.07
N TYR B 67 1.97 -9.50 -3.68
CA TYR B 67 2.67 -10.75 -3.90
C TYR B 67 3.00 -10.69 -5.37
N TYR B 68 4.16 -11.17 -5.74
CA TYR B 68 4.51 -11.15 -7.15
C TYR B 68 5.73 -12.01 -7.40
N THR B 69 5.77 -12.64 -8.57
CA THR B 69 6.91 -13.46 -8.93
C THR B 69 7.15 -13.36 -10.42
N GLU B 70 8.41 -13.54 -10.80
CA GLU B 70 8.78 -13.50 -12.21
C GLU B 70 8.24 -14.76 -12.85
N PHE B 71 7.74 -14.63 -14.08
CA PHE B 71 7.23 -15.80 -14.76
C PHE B 71 7.24 -15.62 -16.26
N THR B 72 7.18 -16.74 -16.97
CA THR B 72 7.19 -16.73 -18.41
C THR B 72 6.00 -17.51 -18.93
N PRO B 73 4.95 -16.78 -19.34
CA PRO B 73 3.66 -17.24 -19.87
C PRO B 73 3.69 -17.89 -21.25
N THR B 74 2.60 -18.58 -21.59
CA THR B 74 2.48 -19.25 -22.87
C THR B 74 1.02 -19.23 -23.28
N GLU B 75 0.69 -20.03 -24.29
CA GLU B 75 -0.69 -20.13 -24.73
C GLU B 75 -1.30 -20.96 -23.61
N LYS B 76 -0.56 -22.01 -23.21
CA LYS B 76 -0.98 -22.88 -22.12
C LYS B 76 -0.56 -22.14 -20.85
N ASP B 77 -0.46 -22.86 -19.74
CA ASP B 77 -0.07 -22.29 -18.46
C ASP B 77 -1.15 -21.46 -17.78
N GLU B 78 -1.87 -22.08 -16.85
CA GLU B 78 -2.90 -21.36 -16.12
C GLU B 78 -2.25 -20.85 -14.84
N TYR B 79 -2.39 -19.55 -14.57
CA TYR B 79 -1.81 -18.95 -13.36
C TYR B 79 -2.88 -18.29 -12.49
N ALA B 80 -2.82 -18.54 -11.19
CA ALA B 80 -3.80 -17.98 -10.25
C ALA B 80 -3.23 -17.64 -8.89
N CYS B 81 -3.99 -16.82 -8.16
CA CYS B 81 -3.65 -16.35 -6.83
C CYS B 81 -4.61 -16.97 -5.81
N ARG B 82 -4.07 -17.71 -4.85
CA ARG B 82 -4.94 -18.35 -3.85
C ARG B 82 -4.87 -17.67 -2.50
N VAL B 83 -5.96 -17.00 -2.11
CA VAL B 83 -6.00 -16.27 -0.85
C VAL B 83 -6.80 -16.97 0.25
N ASN B 84 -6.27 -17.02 1.47
CA ASN B 84 -7.02 -17.65 2.56
C ASN B 84 -7.07 -16.75 3.80
N HIS B 85 -8.28 -16.29 4.13
CA HIS B 85 -8.44 -15.39 5.25
C HIS B 85 -9.55 -15.79 6.22
N VAL B 86 -9.35 -15.49 7.49
CA VAL B 86 -10.34 -15.80 8.50
C VAL B 86 -11.73 -15.46 8.00
N THR B 87 -11.83 -14.47 7.12
CA THR B 87 -13.16 -14.10 6.68
C THR B 87 -13.65 -14.83 5.45
N LEU B 88 -12.90 -15.81 4.97
CA LEU B 88 -13.33 -16.53 3.78
C LEU B 88 -13.78 -17.94 4.13
N SER B 89 -14.83 -18.40 3.43
CA SER B 89 -15.40 -19.73 3.64
C SER B 89 -14.42 -20.83 3.23
N GLN B 90 -13.79 -20.65 2.08
CA GLN B 90 -12.80 -21.60 1.57
C GLN B 90 -11.80 -20.80 0.75
N PRO B 91 -10.51 -21.19 0.78
CA PRO B 91 -9.45 -20.51 0.04
C PRO B 91 -10.00 -19.96 -1.24
N LYS B 92 -9.73 -18.69 -1.48
CA LYS B 92 -10.20 -17.99 -2.67
C LYS B 92 -9.13 -18.00 -3.73
N ILE B 93 -9.54 -18.40 -4.93
CA ILE B 93 -8.64 -18.48 -6.05
C ILE B 93 -9.06 -17.60 -7.21
N VAL B 94 -8.20 -16.66 -7.55
CA VAL B 94 -8.45 -15.78 -8.67
C VAL B 94 -7.37 -16.12 -9.66
N LYS B 95 -7.75 -16.40 -10.90
CA LYS B 95 -6.77 -16.73 -11.90
C LYS B 95 -6.39 -15.52 -12.70
N TRP B 96 -5.17 -15.54 -13.23
CA TRP B 96 -4.71 -14.45 -14.06
C TRP B 96 -5.50 -14.60 -15.34
N ASP B 97 -5.55 -13.54 -16.13
CA ASP B 97 -6.26 -13.57 -17.38
C ASP B 97 -5.74 -12.47 -18.28
N ARG B 98 -4.71 -12.81 -19.06
CA ARG B 98 -4.06 -11.91 -20.00
C ARG B 98 -4.96 -10.81 -20.54
N ASP B 99 -6.23 -11.13 -20.72
CA ASP B 99 -7.22 -10.19 -21.25
C ASP B 99 -7.80 -9.27 -20.17
N MET B 100 -8.23 -9.85 -19.06
CA MET B 100 -8.85 -9.14 -17.94
C MET B 100 -8.08 -7.89 -17.49
#